data_8YK4
#
_entry.id   8YK4
#
_cell.length_a   55.152
_cell.length_b   149.641
_cell.length_c   253.429
_cell.angle_alpha   90.000
_cell.angle_beta   90.000
_cell.angle_gamma   90.000
#
_symmetry.space_group_name_H-M   'I 2 2 2'
#
loop_
_entity.id
_entity.type
_entity.pdbx_description
1 polymer 'antibody NT-108, single chain Fv fragment'
2 polymer 'Spike protein S1'
#
loop_
_entity_poly.entity_id
_entity_poly.type
_entity_poly.pdbx_seq_one_letter_code
_entity_poly.pdbx_strand_id
1 'polypeptide(L)'
;MGILPSPGMPALLSLVSLLSVLLMGCVAETGEIVLTQSPGTLSLSPGERATLSCRASQSVSSTFLAWYQQKPGQAPRLLI
YGASYMATGIPDRFSGSGSGTDFTLTISRLEPEDFAVYYCQQYGSSLTFGGGTKLEIKGGGGSGGGGSGGGGSQVQLQQS
GPGLVKPSQTLSLTCSISGDSVSSNSAAWNWIRQSPSRGLEWLGRTYYRSKWYNDYAGTVKSRIAINPDTSKNQFSLHLN
SVTPEDTAVYFCARVISVAGYAFDIWGQGTMVTVSSHHHHHH
;
A
2 'polypeptide(L)'
;PTESIVRFPNITNLCPFGEVFNATRFASVYAWNRKRISNCVADYSVLYNSASFSTFKCYGVSPTKLNDLCFTNVYADSFV
IRGDEVRQIAPGQTGKIADYNYKLPDDFTGCVIAWNSNNLDSKVGGNYNYLYRLFRKSNLKPFERDISTEIYQAGSTPCN
GVEGFNCYFPLQSYGFQPTNGVGYQPYRVVVLSFELLHAPATVCGPKKSTNLVKN
;
C
#
# COMPACT_ATOMS: atom_id res chain seq x y z
N ILE A 33 13.47 -8.93 12.14
CA ILE A 33 12.44 -9.87 11.70
C ILE A 33 13.01 -10.80 10.63
N VAL A 34 12.73 -12.09 10.78
CA VAL A 34 13.21 -13.13 9.86
C VAL A 34 12.00 -13.72 9.15
N LEU A 35 11.99 -13.61 7.82
CA LEU A 35 10.90 -14.13 7.00
C LEU A 35 11.30 -15.49 6.45
N THR A 36 10.52 -16.51 6.79
CA THR A 36 10.76 -17.89 6.36
C THR A 36 9.58 -18.33 5.49
N GLN A 37 9.83 -18.53 4.21
CA GLN A 37 8.79 -18.94 3.27
C GLN A 37 8.73 -20.45 3.15
N SER A 38 7.56 -20.95 2.76
CA SER A 38 7.32 -22.36 2.56
C SER A 38 6.20 -22.54 1.55
N PRO A 39 6.31 -23.48 0.61
CA PRO A 39 7.46 -24.38 0.46
C PRO A 39 8.65 -23.74 -0.23
N GLY A 40 9.74 -24.49 -0.38
CA GLY A 40 10.91 -24.00 -1.07
C GLY A 40 10.80 -24.18 -2.57
N THR A 41 10.34 -25.36 -3.00
CA THR A 41 10.14 -25.68 -4.40
C THR A 41 8.77 -26.31 -4.56
N LEU A 42 7.98 -25.80 -5.51
CA LEU A 42 6.64 -26.28 -5.75
C LEU A 42 6.44 -26.48 -7.25
N SER A 43 6.14 -27.71 -7.65
CA SER A 43 5.90 -28.06 -9.04
C SER A 43 4.44 -28.39 -9.22
N LEU A 44 3.77 -27.64 -10.11
CA LEU A 44 2.35 -27.83 -10.37
C LEU A 44 2.09 -27.73 -11.87
N SER A 45 0.86 -28.06 -12.25
CA SER A 45 0.41 -28.00 -13.63
C SER A 45 -0.52 -26.80 -13.84
N PRO A 46 -0.65 -26.33 -15.08
CA PRO A 46 -1.57 -25.21 -15.34
C PRO A 46 -3.00 -25.59 -14.99
N GLY A 47 -3.68 -24.70 -14.26
CA GLY A 47 -5.05 -24.88 -13.85
C GLY A 47 -5.22 -25.18 -12.38
N GLU A 48 -4.16 -25.60 -11.68
CA GLU A 48 -4.24 -25.92 -10.27
C GLU A 48 -4.05 -24.66 -9.43
N ARG A 49 -4.07 -24.84 -8.11
CA ARG A 49 -3.93 -23.74 -7.17
C ARG A 49 -2.65 -23.93 -6.36
N ALA A 50 -1.85 -22.86 -6.28
CA ALA A 50 -0.61 -22.85 -5.51
C ALA A 50 -0.82 -22.03 -4.26
N THR A 51 -0.61 -22.64 -3.09
CA THR A 51 -0.78 -21.98 -1.81
C THR A 51 0.60 -21.80 -1.19
N LEU A 52 1.11 -20.57 -1.23
CA LEU A 52 2.41 -20.22 -0.67
C LEU A 52 2.22 -19.61 0.71
N SER A 53 3.29 -19.65 1.51
CA SER A 53 3.24 -19.17 2.88
C SER A 53 4.51 -18.38 3.19
N CYS A 54 4.40 -17.47 4.16
CA CYS A 54 5.53 -16.63 4.59
C CYS A 54 5.34 -16.37 6.08
N ARG A 55 6.12 -17.07 6.90
CA ARG A 55 6.06 -16.92 8.35
C ARG A 55 7.18 -16.00 8.82
N ALA A 56 6.83 -15.05 9.67
CA ALA A 56 7.79 -14.11 10.24
C ALA A 56 8.20 -14.54 11.63
N SER A 57 9.43 -14.18 12.02
CA SER A 57 9.92 -14.54 13.35
C SER A 57 9.16 -13.80 14.45
N GLN A 58 8.70 -12.59 14.17
CA GLN A 58 7.89 -11.81 15.10
C GLN A 58 6.79 -11.10 14.32
N SER A 59 5.89 -10.43 15.05
CA SER A 59 4.74 -9.82 14.42
C SER A 59 5.14 -8.59 13.62
N VAL A 60 4.59 -8.49 12.41
CA VAL A 60 4.78 -7.31 11.55
C VAL A 60 3.69 -6.32 11.94
N SER A 61 3.98 -5.50 12.95
CA SER A 61 2.99 -4.58 13.48
C SER A 61 2.64 -3.49 12.47
N SER A 62 3.58 -3.10 11.63
CA SER A 62 3.33 -2.05 10.64
C SER A 62 2.43 -2.50 9.51
N THR A 63 2.18 -3.81 9.38
CA THR A 63 1.30 -4.36 8.35
C THR A 63 1.77 -3.95 6.95
N PHE A 64 3.06 -4.13 6.70
CA PHE A 64 3.64 -3.82 5.40
C PHE A 64 4.21 -5.07 4.74
N LEU A 65 3.43 -6.15 4.74
CA LEU A 65 3.85 -7.39 4.10
C LEU A 65 3.56 -7.31 2.60
N ALA A 66 4.58 -7.54 1.79
CA ALA A 66 4.49 -7.44 0.35
C ALA A 66 4.92 -8.74 -0.32
N TRP A 67 4.30 -9.04 -1.45
CA TRP A 67 4.61 -10.22 -2.26
C TRP A 67 5.14 -9.77 -3.61
N TYR A 68 6.13 -10.51 -4.12
CA TYR A 68 6.78 -10.17 -5.38
C TYR A 68 6.88 -11.41 -6.26
N GLN A 69 6.90 -11.18 -7.57
CA GLN A 69 7.10 -12.22 -8.57
C GLN A 69 8.34 -11.88 -9.38
N GLN A 70 9.22 -12.87 -9.56
CA GLN A 70 10.47 -12.67 -10.30
C GLN A 70 10.60 -13.77 -11.34
N LYS A 71 10.20 -13.48 -12.57
CA LYS A 71 10.43 -14.40 -13.66
C LYS A 71 11.92 -14.45 -14.00
N PRO A 72 12.40 -15.58 -14.52
CA PRO A 72 13.84 -15.73 -14.75
C PRO A 72 14.38 -14.71 -15.73
N GLY A 73 15.44 -14.01 -15.30
CA GLY A 73 16.07 -12.99 -16.12
C GLY A 73 15.47 -11.61 -16.00
N GLN A 74 14.52 -11.40 -15.10
CA GLN A 74 13.85 -10.11 -14.94
C GLN A 74 13.97 -9.64 -13.50
N ALA A 75 13.48 -8.43 -13.27
CA ALA A 75 13.43 -7.83 -11.95
C ALA A 75 12.16 -8.26 -11.21
N PRO A 76 12.17 -8.20 -9.88
CA PRO A 76 10.95 -8.54 -9.13
C PRO A 76 9.78 -7.64 -9.51
N ARG A 77 8.59 -8.24 -9.55
CA ARG A 77 7.35 -7.56 -9.91
C ARG A 77 6.44 -7.54 -8.69
N LEU A 78 6.03 -6.35 -8.26
CA LEU A 78 5.18 -6.23 -7.08
C LEU A 78 3.80 -6.80 -7.38
N LEU A 79 3.41 -7.83 -6.62
CA LEU A 79 2.09 -8.44 -6.75
C LEU A 79 1.12 -7.88 -5.69
N ILE A 80 1.49 -8.00 -4.42
CA ILE A 80 0.64 -7.58 -3.31
C ILE A 80 1.46 -6.66 -2.42
N TYR A 81 0.81 -5.59 -1.93
CA TYR A 81 1.41 -4.70 -0.95
C TYR A 81 0.46 -4.56 0.22
N GLY A 82 1.03 -4.25 1.39
CA GLY A 82 0.24 -4.05 2.59
C GLY A 82 -0.69 -5.20 2.91
N ALA A 83 -0.10 -6.34 3.27
CA ALA A 83 -0.84 -7.55 3.65
C ALA A 83 -1.64 -8.13 2.48
N SER A 84 -2.63 -7.38 1.97
CA SER A 84 -3.55 -7.96 0.99
C SER A 84 -3.86 -7.06 -0.21
N TYR A 85 -3.48 -5.79 -0.21
CA TYR A 85 -3.85 -4.90 -1.31
C TYR A 85 -3.07 -5.27 -2.57
N MET A 86 -3.80 -5.43 -3.68
CA MET A 86 -3.18 -5.80 -4.94
C MET A 86 -2.51 -4.60 -5.60
N ALA A 87 -1.52 -4.90 -6.43
CA ALA A 87 -0.74 -3.87 -7.11
C ALA A 87 -1.30 -3.62 -8.51
N THR A 88 -0.57 -2.81 -9.29
CA THR A 88 -1.04 -2.42 -10.62
C THR A 88 -0.81 -3.54 -11.63
N GLY A 89 -1.86 -3.88 -12.38
CA GLY A 89 -1.75 -4.89 -13.41
C GLY A 89 -1.67 -6.31 -12.91
N ILE A 90 -2.12 -6.57 -11.69
CA ILE A 90 -2.08 -7.91 -11.10
C ILE A 90 -3.45 -8.54 -11.27
N PRO A 91 -3.54 -9.73 -11.89
CA PRO A 91 -4.85 -10.36 -12.09
C PRO A 91 -5.51 -10.73 -10.76
N ASP A 92 -6.81 -11.03 -10.85
CA ASP A 92 -7.58 -11.43 -9.68
C ASP A 92 -7.17 -12.79 -9.14
N ARG A 93 -6.37 -13.56 -9.88
CA ARG A 93 -5.95 -14.87 -9.40
C ARG A 93 -5.07 -14.74 -8.17
N PHE A 94 -4.11 -13.81 -8.20
CA PHE A 94 -3.24 -13.59 -7.05
C PHE A 94 -4.02 -12.93 -5.92
N SER A 95 -3.93 -13.51 -4.72
CA SER A 95 -4.64 -12.98 -3.57
C SER A 95 -3.74 -13.07 -2.34
N GLY A 96 -3.66 -11.98 -1.60
CA GLY A 96 -2.89 -11.92 -0.38
C GLY A 96 -3.77 -12.09 0.84
N SER A 97 -3.21 -12.71 1.88
CA SER A 97 -3.94 -12.96 3.11
C SER A 97 -2.95 -13.21 4.23
N GLY A 98 -3.42 -13.03 5.46
CA GLY A 98 -2.61 -13.24 6.64
C GLY A 98 -2.30 -11.94 7.37
N SER A 99 -1.96 -12.08 8.64
CA SER A 99 -1.63 -10.94 9.48
C SER A 99 -0.84 -11.43 10.69
N GLY A 100 0.01 -10.55 11.22
CA GLY A 100 0.81 -10.89 12.37
C GLY A 100 2.08 -11.64 12.03
N THR A 101 2.03 -12.97 12.09
CA THR A 101 3.17 -13.81 11.78
C THR A 101 2.93 -14.77 10.62
N ASP A 102 1.68 -15.15 10.36
CA ASP A 102 1.35 -16.05 9.27
C ASP A 102 0.79 -15.27 8.10
N PHE A 103 1.38 -15.44 6.92
CA PHE A 103 0.93 -14.81 5.69
C PHE A 103 0.91 -15.84 4.58
N THR A 104 -0.13 -15.81 3.76
CA THR A 104 -0.31 -16.76 2.67
C THR A 104 -0.58 -16.03 1.36
N LEU A 105 0.00 -16.56 0.28
CA LEU A 105 -0.25 -16.07 -1.08
C LEU A 105 -0.94 -17.17 -1.86
N THR A 106 -2.17 -16.92 -2.27
CA THR A 106 -3.00 -17.92 -2.94
C THR A 106 -3.17 -17.53 -4.40
N ILE A 107 -2.62 -18.33 -5.30
CA ILE A 107 -2.80 -18.17 -6.74
C ILE A 107 -3.85 -19.18 -7.18
N SER A 108 -5.01 -18.68 -7.58
CA SER A 108 -6.16 -19.54 -7.86
C SER A 108 -5.91 -20.48 -9.03
N ARG A 109 -5.84 -19.94 -10.25
CA ARG A 109 -5.69 -20.73 -11.46
C ARG A 109 -4.33 -20.43 -12.07
N LEU A 110 -3.46 -21.45 -12.13
CA LEU A 110 -2.11 -21.26 -12.63
C LEU A 110 -2.08 -21.24 -14.16
N GLU A 111 -1.19 -20.43 -14.69
CA GLU A 111 -0.89 -20.33 -16.11
C GLU A 111 0.58 -20.60 -16.33
N PRO A 112 0.97 -21.04 -17.54
CA PRO A 112 2.41 -21.22 -17.82
C PRO A 112 3.23 -19.95 -17.68
N GLU A 113 2.58 -18.78 -17.71
CA GLU A 113 3.29 -17.53 -17.50
C GLU A 113 3.68 -17.32 -16.04
N ASP A 114 3.08 -18.05 -15.12
CA ASP A 114 3.34 -17.90 -13.69
C ASP A 114 4.58 -18.64 -13.22
N PHE A 115 5.38 -19.19 -14.15
CA PHE A 115 6.63 -19.86 -13.80
C PHE A 115 7.63 -18.80 -13.33
N ALA A 116 7.79 -18.68 -12.02
CA ALA A 116 8.67 -17.67 -11.44
C ALA A 116 8.93 -18.01 -9.98
N VAL A 117 9.85 -17.27 -9.38
CA VAL A 117 10.16 -17.38 -7.96
C VAL A 117 9.46 -16.23 -7.24
N TYR A 118 8.77 -16.54 -6.16
CA TYR A 118 7.98 -15.57 -5.41
C TYR A 118 8.66 -15.28 -4.08
N TYR A 119 8.75 -13.99 -3.74
CA TYR A 119 9.45 -13.54 -2.54
C TYR A 119 8.49 -12.87 -1.57
N CYS A 120 9.00 -12.60 -0.37
CA CYS A 120 8.22 -12.04 0.72
C CYS A 120 9.03 -10.94 1.38
N GLN A 121 8.42 -9.77 1.57
CA GLN A 121 9.13 -8.60 2.08
C GLN A 121 8.28 -7.88 3.10
N GLN A 122 8.94 -7.34 4.13
CA GLN A 122 8.27 -6.58 5.17
C GLN A 122 9.05 -5.29 5.45
N TYR A 123 8.34 -4.30 5.98
CA TYR A 123 8.95 -3.03 6.35
C TYR A 123 8.39 -2.59 7.70
N GLY A 124 9.24 -1.91 8.46
CA GLY A 124 8.85 -1.41 9.77
C GLY A 124 10.05 -1.17 10.67
N SER A 125 10.30 -2.11 11.59
CA SER A 125 11.50 -2.02 12.40
C SER A 125 12.76 -2.32 11.59
N SER A 126 12.61 -2.99 10.46
CA SER A 126 13.74 -3.32 9.59
C SER A 126 13.18 -3.56 8.17
N LEU A 127 14.06 -4.00 7.27
CA LEU A 127 13.68 -4.29 5.90
C LEU A 127 14.28 -5.65 5.53
N THR A 128 13.46 -6.70 5.62
CA THR A 128 13.92 -8.07 5.42
C THR A 128 13.14 -8.71 4.28
N PHE A 129 13.85 -9.45 3.43
CA PHE A 129 13.24 -10.23 2.37
C PHE A 129 13.17 -11.71 2.77
N GLY A 130 12.23 -12.42 2.15
CA GLY A 130 12.06 -13.83 2.41
C GLY A 130 13.08 -14.68 1.68
N GLY A 131 13.00 -16.00 1.93
CA GLY A 131 13.91 -16.92 1.26
C GLY A 131 13.58 -17.14 -0.20
N GLY A 132 12.30 -17.14 -0.54
CA GLY A 132 11.86 -17.31 -1.91
C GLY A 132 11.25 -18.69 -2.12
N THR A 133 10.23 -18.75 -2.96
CA THR A 133 9.55 -19.98 -3.32
C THR A 133 9.56 -20.11 -4.84
N LYS A 134 10.29 -21.09 -5.35
CA LYS A 134 10.39 -21.29 -6.80
C LYS A 134 9.20 -22.13 -7.25
N LEU A 135 8.24 -21.49 -7.92
CA LEU A 135 7.07 -22.18 -8.44
C LEU A 135 7.33 -22.58 -9.88
N GLU A 136 7.29 -23.89 -10.15
CA GLU A 136 7.56 -24.43 -11.46
C GLU A 136 6.27 -24.96 -12.09
N ILE A 137 6.11 -24.75 -13.38
CA ILE A 137 4.91 -25.13 -14.11
C ILE A 137 5.30 -26.22 -15.11
N LYS A 138 4.87 -27.45 -14.82
CA LYS A 138 5.15 -28.57 -15.71
C LYS A 138 4.29 -28.51 -16.97
N SER A 153 4.49 1.92 -14.20
CA SER A 153 4.50 1.72 -15.64
C SER A 153 4.92 2.98 -16.38
N GLN A 154 4.37 4.13 -15.96
CA GLN A 154 4.77 5.39 -16.56
C GLN A 154 6.07 5.91 -15.97
N VAL A 155 6.40 5.53 -14.74
CA VAL A 155 7.68 5.85 -14.13
C VAL A 155 8.67 4.75 -14.49
N GLN A 156 9.83 5.13 -15.00
CA GLN A 156 10.82 4.17 -15.49
C GLN A 156 12.16 4.44 -14.82
N LEU A 157 12.74 3.40 -14.23
CA LEU A 157 14.08 3.46 -13.64
C LEU A 157 15.03 2.69 -14.55
N GLN A 158 16.05 3.38 -15.06
CA GLN A 158 17.02 2.79 -15.98
C GLN A 158 18.39 2.84 -15.34
N GLN A 159 19.03 1.67 -15.22
CA GLN A 159 20.32 1.56 -14.55
C GLN A 159 21.45 1.66 -15.57
N SER A 160 22.63 2.04 -15.07
CA SER A 160 23.82 2.16 -15.90
C SER A 160 25.05 2.03 -15.01
N GLY A 161 26.14 1.56 -15.60
CA GLY A 161 27.38 1.39 -14.88
C GLY A 161 28.14 0.14 -15.31
N PRO A 162 29.39 0.04 -14.90
CA PRO A 162 30.20 -1.12 -15.29
C PRO A 162 29.79 -2.37 -14.54
N GLY A 163 30.02 -3.51 -15.17
CA GLY A 163 29.64 -4.78 -14.59
C GLY A 163 30.81 -5.63 -14.15
N LEU A 164 32.02 -5.09 -14.25
CA LEU A 164 33.24 -5.80 -13.84
C LEU A 164 34.09 -4.84 -13.02
N VAL A 165 34.25 -5.13 -11.74
CA VAL A 165 35.01 -4.29 -10.82
C VAL A 165 36.14 -5.12 -10.22
N LYS A 166 37.34 -4.57 -10.23
CA LYS A 166 38.46 -5.24 -9.60
C LYS A 166 38.32 -5.19 -8.07
N PRO A 167 38.90 -6.16 -7.37
CA PRO A 167 38.83 -6.14 -5.90
C PRO A 167 39.52 -4.91 -5.32
N SER A 168 39.08 -4.55 -4.12
CA SER A 168 39.60 -3.39 -3.38
C SER A 168 39.41 -2.09 -4.14
N GLN A 169 38.42 -2.04 -5.05
CA GLN A 169 38.09 -0.84 -5.79
C GLN A 169 36.62 -0.50 -5.57
N THR A 170 36.21 0.67 -6.07
CA THR A 170 34.88 1.20 -5.82
C THR A 170 33.92 0.78 -6.92
N LEU A 171 32.75 0.30 -6.52
CA LEU A 171 31.66 -0.05 -7.44
C LEU A 171 30.68 1.11 -7.52
N SER A 172 30.41 1.58 -8.74
CA SER A 172 29.52 2.71 -8.96
C SER A 172 28.43 2.32 -9.94
N LEU A 173 27.18 2.61 -9.57
CA LEU A 173 26.02 2.33 -10.42
C LEU A 173 25.04 3.49 -10.29
N THR A 174 24.49 3.91 -11.44
CA THR A 174 23.58 5.05 -11.50
C THR A 174 22.19 4.59 -11.92
N CYS A 175 21.17 5.20 -11.34
CA CYS A 175 19.77 4.85 -11.58
C CYS A 175 19.04 6.12 -12.05
N SER A 176 18.76 6.20 -13.34
CA SER A 176 18.07 7.35 -13.89
C SER A 176 16.56 7.23 -13.67
N ILE A 177 15.93 8.31 -13.23
CA ILE A 177 14.51 8.33 -12.90
C ILE A 177 13.80 9.21 -13.92
N SER A 178 12.70 8.69 -14.48
CA SER A 178 11.85 9.45 -15.38
C SER A 178 10.41 9.11 -15.08
N GLY A 179 9.58 10.14 -14.92
CA GLY A 179 8.19 9.99 -14.53
C GLY A 179 7.90 10.44 -13.11
N ASP A 180 8.90 10.40 -12.24
CA ASP A 180 8.78 10.89 -10.88
C ASP A 180 10.03 11.68 -10.54
N SER A 181 9.91 12.57 -9.55
CA SER A 181 11.02 13.41 -9.12
C SER A 181 11.85 12.70 -8.08
N VAL A 182 13.18 12.81 -8.20
CA VAL A 182 14.07 12.19 -7.23
C VAL A 182 13.92 12.86 -5.86
N SER A 183 13.51 14.13 -5.84
CA SER A 183 13.27 14.86 -4.60
C SER A 183 11.80 14.86 -4.21
N SER A 184 11.08 13.80 -4.57
CA SER A 184 9.66 13.71 -4.23
C SER A 184 9.47 13.60 -2.73
N ASN A 185 8.42 14.25 -2.23
CA ASN A 185 8.15 14.23 -0.79
C ASN A 185 7.57 12.90 -0.33
N SER A 186 6.85 12.20 -1.21
CA SER A 186 6.25 10.92 -0.84
C SER A 186 6.90 9.78 -1.61
N ALA A 187 8.22 9.68 -1.56
CA ALA A 187 8.94 8.63 -2.27
C ALA A 187 10.26 8.37 -1.57
N ALA A 188 10.83 7.20 -1.86
CA ALA A 188 12.13 6.81 -1.35
C ALA A 188 12.83 5.98 -2.41
N TRP A 189 14.15 6.17 -2.54
CA TRP A 189 14.93 5.56 -3.61
C TRP A 189 15.95 4.61 -2.98
N ASN A 190 15.74 3.31 -3.17
CA ASN A 190 16.49 2.27 -2.50
C ASN A 190 17.44 1.57 -3.47
N TRP A 191 18.34 0.78 -2.90
CA TRP A 191 19.26 -0.06 -3.65
C TRP A 191 19.25 -1.46 -3.06
N ILE A 192 19.01 -2.46 -3.90
CA ILE A 192 18.91 -3.86 -3.48
C ILE A 192 19.78 -4.71 -4.38
N ARG A 193 20.47 -5.69 -3.79
CA ARG A 193 21.25 -6.65 -4.55
C ARG A 193 20.71 -8.05 -4.31
N GLN A 194 20.97 -8.94 -5.26
CA GLN A 194 20.46 -10.31 -5.23
C GLN A 194 21.59 -11.28 -5.56
N SER A 195 21.84 -12.22 -4.66
CA SER A 195 22.84 -13.26 -4.85
C SER A 195 22.30 -14.56 -4.25
N PRO A 196 22.65 -15.70 -4.84
CA PRO A 196 22.14 -16.98 -4.31
C PRO A 196 22.63 -17.31 -2.90
N SER A 197 23.67 -16.63 -2.41
CA SER A 197 24.17 -16.90 -1.07
C SER A 197 23.38 -16.17 0.01
N ARG A 198 22.88 -14.97 -0.28
CA ARG A 198 22.11 -14.21 0.67
C ARG A 198 20.69 -13.89 0.22
N GLY A 199 20.37 -14.06 -1.06
CA GLY A 199 19.04 -13.72 -1.54
C GLY A 199 18.92 -12.22 -1.83
N LEU A 200 17.70 -11.72 -1.71
CA LEU A 200 17.43 -10.29 -1.90
C LEU A 200 17.90 -9.55 -0.65
N GLU A 201 19.05 -8.89 -0.75
CA GLU A 201 19.65 -8.18 0.37
C GLU A 201 19.52 -6.68 0.11
N TRP A 202 18.75 -6.01 0.96
CA TRP A 202 18.58 -4.57 0.85
C TRP A 202 19.83 -3.85 1.35
N LEU A 203 20.27 -2.84 0.60
CA LEU A 203 21.51 -2.12 0.90
C LEU A 203 21.25 -0.79 1.61
N GLY A 204 20.55 0.12 0.96
CA GLY A 204 20.31 1.42 1.56
C GLY A 204 19.26 2.18 0.78
N ARG A 205 19.10 3.45 1.16
CA ARG A 205 18.11 4.30 0.51
C ARG A 205 18.42 5.76 0.81
N THR A 206 17.81 6.63 0.01
CA THR A 206 17.87 8.08 0.22
C THR A 206 16.53 8.67 -0.18
N TYR A 207 16.12 9.71 0.55
CA TYR A 207 14.84 10.36 0.29
C TYR A 207 14.90 11.80 0.77
N TYR A 208 13.95 12.60 0.31
CA TYR A 208 13.94 14.03 0.55
C TYR A 208 12.61 14.43 1.17
N ARG A 209 12.65 15.03 2.37
CA ARG A 209 11.48 15.60 2.98
C ARG A 209 11.69 17.11 3.03
N SER A 210 12.27 17.65 4.09
CA SER A 210 12.77 19.02 4.07
C SER A 210 14.21 19.08 3.59
N LYS A 211 15.03 18.14 4.04
CA LYS A 211 16.40 17.96 3.53
C LYS A 211 16.59 16.51 3.10
N TRP A 212 17.84 16.10 2.89
CA TRP A 212 18.13 14.74 2.47
C TRP A 212 18.49 13.88 3.67
N TYR A 213 17.94 12.66 3.70
CA TYR A 213 18.17 11.72 4.78
C TYR A 213 18.71 10.41 4.22
N ASN A 214 19.41 9.68 5.08
CA ASN A 214 20.05 8.42 4.71
C ASN A 214 19.58 7.30 5.63
N ASP A 215 19.54 6.08 5.06
CA ASP A 215 19.26 4.88 5.83
C ASP A 215 20.03 3.74 5.18
N TYR A 216 21.04 3.22 5.88
CA TYR A 216 21.91 2.18 5.35
C TYR A 216 21.81 0.93 6.21
N ALA A 217 22.04 -0.22 5.57
CA ALA A 217 22.09 -1.49 6.27
C ALA A 217 23.46 -1.69 6.89
N GLY A 218 23.48 -2.14 8.15
CA GLY A 218 24.73 -2.29 8.88
C GLY A 218 25.70 -3.26 8.25
N THR A 219 25.22 -4.13 7.35
CA THR A 219 26.11 -5.09 6.70
C THR A 219 27.11 -4.39 5.79
N VAL A 220 26.69 -3.33 5.11
CA VAL A 220 27.55 -2.64 4.15
C VAL A 220 27.63 -1.16 4.49
N LYS A 221 27.17 -0.79 5.69
CA LYS A 221 27.16 0.62 6.07
C LYS A 221 28.57 1.21 6.10
N SER A 222 29.57 0.40 6.46
CA SER A 222 30.93 0.91 6.59
C SER A 222 31.59 1.25 5.26
N ARG A 223 30.88 1.15 4.14
CA ARG A 223 31.52 1.42 2.85
C ARG A 223 30.51 1.75 1.76
N ILE A 224 29.26 2.02 2.13
CA ILE A 224 28.21 2.33 1.17
C ILE A 224 27.99 3.84 1.14
N ALA A 225 27.48 4.32 0.00
CA ALA A 225 27.14 5.72 -0.17
C ALA A 225 26.11 5.83 -1.28
N ILE A 226 25.02 6.55 -1.03
CA ILE A 226 23.95 6.74 -2.00
C ILE A 226 23.67 8.23 -2.11
N ASN A 227 24.06 8.83 -3.23
CA ASN A 227 23.96 10.27 -3.43
C ASN A 227 22.96 10.59 -4.53
N PRO A 228 21.96 11.41 -4.26
CA PRO A 228 21.03 11.82 -5.32
C PRO A 228 21.57 13.00 -6.12
N ASP A 229 21.06 13.12 -7.35
CA ASP A 229 21.42 14.20 -8.25
C ASP A 229 20.12 14.82 -8.76
N THR A 230 19.81 16.04 -8.32
CA THR A 230 18.57 16.68 -8.70
C THR A 230 18.62 17.25 -10.12
N SER A 231 19.80 17.69 -10.58
CA SER A 231 19.91 18.27 -11.91
C SER A 231 19.69 17.22 -12.99
N LYS A 232 20.20 16.01 -12.79
CA LYS A 232 20.02 14.91 -13.73
C LYS A 232 18.88 13.98 -13.35
N ASN A 233 18.22 14.22 -12.22
CA ASN A 233 17.12 13.38 -11.73
C ASN A 233 17.58 11.94 -11.57
N GLN A 234 18.67 11.76 -10.82
CA GLN A 234 19.28 10.45 -10.64
C GLN A 234 19.64 10.25 -9.17
N PHE A 235 20.08 9.03 -8.86
CA PHE A 235 20.70 8.73 -7.57
C PHE A 235 21.59 7.51 -7.78
N SER A 236 22.83 7.60 -7.31
CA SER A 236 23.84 6.60 -7.61
C SER A 236 24.23 5.83 -6.35
N LEU A 237 24.83 4.67 -6.56
CA LEU A 237 25.30 3.79 -5.50
C LEU A 237 26.81 3.68 -5.56
N HIS A 238 27.45 3.69 -4.39
CA HIS A 238 28.90 3.58 -4.28
C HIS A 238 29.26 2.57 -3.20
N LEU A 239 30.08 1.59 -3.57
CA LEU A 239 30.56 0.56 -2.65
C LEU A 239 32.08 0.66 -2.60
N ASN A 240 32.61 1.14 -1.46
CA ASN A 240 34.00 1.54 -1.35
C ASN A 240 34.96 0.37 -1.60
N SER A 241 35.08 -0.53 -0.64
CA SER A 241 35.98 -1.68 -0.74
C SER A 241 35.15 -2.92 -1.07
N VAL A 242 35.32 -3.44 -2.29
CA VAL A 242 34.55 -4.59 -2.74
C VAL A 242 35.38 -5.85 -2.59
N THR A 243 34.69 -6.96 -2.40
CA THR A 243 35.28 -8.30 -2.30
C THR A 243 34.50 -9.22 -3.22
N PRO A 244 35.03 -10.43 -3.50
CA PRO A 244 34.27 -11.39 -4.32
C PRO A 244 32.90 -11.72 -3.76
N GLU A 245 32.69 -11.45 -2.46
CA GLU A 245 31.39 -11.64 -1.85
C GLU A 245 30.35 -10.66 -2.37
N ASP A 246 30.77 -9.51 -2.89
CA ASP A 246 29.85 -8.49 -3.38
C ASP A 246 29.36 -8.76 -4.80
N THR A 247 29.77 -9.86 -5.41
CA THR A 247 29.32 -10.22 -6.75
C THR A 247 27.85 -10.60 -6.69
N ALA A 248 26.98 -9.76 -7.26
CA ALA A 248 25.54 -9.97 -7.23
C ALA A 248 24.91 -9.10 -8.32
N VAL A 249 23.58 -9.19 -8.41
CA VAL A 249 22.81 -8.37 -9.34
C VAL A 249 22.12 -7.29 -8.53
N TYR A 250 22.45 -6.03 -8.82
CA TYR A 250 21.97 -4.89 -8.07
C TYR A 250 20.74 -4.28 -8.74
N PHE A 251 19.81 -3.81 -7.91
CA PHE A 251 18.56 -3.20 -8.39
C PHE A 251 18.33 -1.88 -7.67
N CYS A 252 17.63 -0.97 -8.35
CA CYS A 252 17.11 0.25 -7.75
C CYS A 252 15.60 0.26 -7.90
N ALA A 253 14.90 0.60 -6.83
CA ALA A 253 13.44 0.58 -6.82
C ALA A 253 12.91 1.80 -6.09
N ARG A 254 11.64 2.10 -6.35
CA ARG A 254 10.94 3.21 -5.71
C ARG A 254 10.01 2.69 -4.62
N VAL A 255 9.94 3.41 -3.51
CA VAL A 255 9.04 3.10 -2.41
C VAL A 255 8.16 4.30 -2.17
N ILE A 256 6.85 4.10 -2.30
CA ILE A 256 5.86 5.13 -1.98
C ILE A 256 5.30 4.83 -0.59
N SER A 257 5.27 5.85 0.27
CA SER A 257 4.89 5.63 1.65
C SER A 257 3.45 5.14 1.78
N VAL A 258 2.53 5.71 0.99
CA VAL A 258 1.13 5.31 1.09
C VAL A 258 0.84 3.99 0.38
N ALA A 259 1.81 3.43 -0.33
CA ALA A 259 1.65 2.15 -1.02
C ALA A 259 2.27 1.00 -0.22
N GLY A 260 2.06 0.98 1.09
CA GLY A 260 2.57 -0.10 1.91
C GLY A 260 4.08 -0.12 2.07
N TYR A 261 4.77 0.97 1.71
CA TYR A 261 6.22 1.06 1.78
C TYR A 261 6.88 -0.07 0.99
N ALA A 262 6.25 -0.49 -0.11
CA ALA A 262 6.73 -1.59 -0.91
C ALA A 262 7.38 -1.09 -2.19
N PHE A 263 8.34 -1.86 -2.69
CA PHE A 263 9.04 -1.54 -3.94
C PHE A 263 8.10 -1.81 -5.11
N ASP A 264 7.53 -0.74 -5.65
CA ASP A 264 6.51 -0.88 -6.69
C ASP A 264 7.06 -0.82 -8.10
N ILE A 265 8.16 -0.09 -8.32
CA ILE A 265 8.75 0.07 -9.64
C ILE A 265 10.24 -0.17 -9.52
N TRP A 266 10.72 -1.23 -10.15
CA TRP A 266 12.12 -1.65 -10.07
C TRP A 266 12.87 -1.17 -11.32
N GLY A 267 14.18 -1.43 -11.32
CA GLY A 267 15.05 -1.01 -12.40
C GLY A 267 15.41 -2.15 -13.35
N GLN A 268 16.41 -1.88 -14.18
CA GLN A 268 16.85 -2.86 -15.17
C GLN A 268 17.46 -4.08 -14.50
N GLY A 269 18.51 -3.87 -13.71
CA GLY A 269 19.21 -4.96 -13.07
C GLY A 269 20.55 -5.24 -13.72
N THR A 270 21.62 -4.73 -13.12
CA THR A 270 22.97 -4.90 -13.64
C THR A 270 23.71 -5.96 -12.84
N MET A 271 24.50 -6.77 -13.54
CA MET A 271 25.29 -7.84 -12.93
C MET A 271 26.72 -7.35 -12.73
N VAL A 272 27.15 -7.30 -11.48
CA VAL A 272 28.49 -6.87 -11.11
C VAL A 272 29.29 -8.07 -10.65
N THR A 273 30.48 -8.25 -11.20
CA THR A 273 31.36 -9.36 -10.87
C THR A 273 32.69 -8.82 -10.36
N VAL A 274 33.10 -9.26 -9.18
CA VAL A 274 34.36 -8.85 -8.58
C VAL A 274 35.37 -9.96 -8.87
N SER A 275 36.23 -9.73 -9.85
CA SER A 275 37.23 -10.71 -10.26
C SER A 275 38.55 -10.00 -10.55
N SER A 276 39.63 -10.77 -10.53
CA SER A 276 40.95 -10.23 -10.80
C SER A 276 41.54 -10.82 -12.08
N PHE B 17 -30.18 16.95 -2.18
CA PHE B 17 -29.87 15.53 -2.15
C PHE B 17 -28.98 15.12 -3.31
N GLY B 18 -29.32 15.59 -4.51
CA GLY B 18 -28.52 15.24 -5.68
C GLY B 18 -27.12 15.80 -5.63
N GLU B 19 -26.91 16.90 -4.92
CA GLU B 19 -25.59 17.50 -4.81
C GLU B 19 -24.66 16.71 -3.91
N VAL B 20 -25.17 15.74 -3.16
CA VAL B 20 -24.37 14.90 -2.29
C VAL B 20 -24.19 13.50 -2.88
N PHE B 21 -25.28 12.90 -3.36
CA PHE B 21 -25.21 11.57 -3.95
C PHE B 21 -24.59 11.60 -5.34
N ASN B 22 -25.14 12.42 -6.24
CA ASN B 22 -24.66 12.52 -7.60
C ASN B 22 -23.47 13.46 -7.76
N ALA B 23 -22.55 13.45 -6.79
CA ALA B 23 -21.35 14.27 -6.89
C ALA B 23 -20.35 13.68 -7.87
N THR B 24 -19.62 14.56 -8.55
CA THR B 24 -18.65 14.10 -9.53
C THR B 24 -17.49 13.37 -8.87
N ARG B 25 -16.96 13.93 -7.79
CA ARG B 25 -15.85 13.33 -7.05
C ARG B 25 -16.13 13.44 -5.56
N PHE B 26 -15.86 12.35 -4.84
CA PHE B 26 -16.05 12.30 -3.41
C PHE B 26 -14.72 12.58 -2.70
N ALA B 27 -14.79 12.67 -1.37
CA ALA B 27 -13.62 12.91 -0.54
C ALA B 27 -13.14 11.61 0.09
N SER B 28 -11.98 11.68 0.72
CA SER B 28 -11.39 10.50 1.35
C SER B 28 -12.13 10.15 2.63
N VAL B 29 -11.69 9.08 3.29
CA VAL B 29 -12.35 8.62 4.50
C VAL B 29 -12.06 9.58 5.65
N TYR B 30 -10.78 9.89 5.89
CA TYR B 30 -10.42 10.77 6.99
C TYR B 30 -10.87 12.20 6.74
N ALA B 31 -10.95 12.61 5.48
CA ALA B 31 -11.38 13.96 5.11
C ALA B 31 -12.83 13.97 4.63
N TRP B 32 -13.70 13.31 5.39
CA TRP B 32 -15.10 13.21 5.01
C TRP B 32 -15.78 14.58 5.07
N ASN B 33 -16.48 14.93 3.99
CA ASN B 33 -17.17 16.21 3.93
C ASN B 33 -18.46 16.17 4.75
N ARG B 34 -18.97 17.36 5.07
CA ARG B 34 -20.20 17.48 5.85
C ARG B 34 -21.03 18.61 5.26
N LYS B 35 -22.22 18.28 4.77
CA LYS B 35 -23.10 19.23 4.11
C LYS B 35 -24.27 19.55 5.04
N ARG B 36 -24.36 20.80 5.46
CA ARG B 36 -25.44 21.25 6.33
C ARG B 36 -26.63 21.64 5.46
N ILE B 37 -27.65 20.78 5.44
CA ILE B 37 -28.83 20.98 4.61
C ILE B 37 -29.91 21.61 5.49
N SER B 38 -30.23 22.88 5.23
CA SER B 38 -31.23 23.60 5.99
C SER B 38 -32.19 24.30 5.04
N ASN B 39 -33.42 24.52 5.52
CA ASN B 39 -34.47 25.18 4.76
C ASN B 39 -34.69 24.47 3.41
N CYS B 40 -35.09 23.21 3.50
CA CYS B 40 -35.20 22.35 2.32
C CYS B 40 -36.52 21.59 2.35
N VAL B 41 -36.98 21.23 1.16
CA VAL B 41 -38.14 20.34 1.00
C VAL B 41 -37.58 18.92 0.90
N ALA B 42 -37.56 18.21 2.03
CA ALA B 42 -36.93 16.90 2.11
C ALA B 42 -37.90 15.83 1.62
N ASP B 43 -37.50 15.11 0.57
CA ASP B 43 -38.24 13.97 0.05
C ASP B 43 -37.43 12.72 0.39
N TYR B 44 -37.61 12.23 1.62
CA TYR B 44 -36.80 11.11 2.10
C TYR B 44 -37.03 9.84 1.28
N SER B 45 -38.15 9.74 0.58
CA SER B 45 -38.48 8.56 -0.21
C SER B 45 -38.14 8.73 -1.69
N VAL B 46 -37.35 9.75 -2.04
CA VAL B 46 -36.98 9.95 -3.43
C VAL B 46 -35.87 8.99 -3.88
N LEU B 47 -35.14 8.40 -2.94
CA LEU B 47 -34.07 7.46 -3.27
C LEU B 47 -34.32 6.05 -2.76
N TYR B 48 -35.36 5.82 -1.97
CA TYR B 48 -35.68 4.46 -1.55
C TYR B 48 -36.16 3.61 -2.72
N ASN B 49 -36.82 4.23 -3.69
CA ASN B 49 -37.23 3.51 -4.89
C ASN B 49 -36.06 3.22 -5.83
N SER B 50 -34.91 3.87 -5.62
CA SER B 50 -33.72 3.62 -6.43
C SER B 50 -33.08 2.31 -5.97
N ALA B 51 -33.16 1.29 -6.82
CA ALA B 51 -32.59 -0.02 -6.50
C ALA B 51 -31.09 -0.06 -6.65
N SER B 52 -30.44 1.07 -6.94
CA SER B 52 -28.99 1.11 -7.09
C SER B 52 -28.25 1.07 -5.76
N PHE B 53 -28.95 1.09 -4.63
CA PHE B 53 -28.33 1.05 -3.32
C PHE B 53 -28.18 -0.40 -2.87
N SER B 54 -26.95 -0.80 -2.55
CA SER B 54 -26.68 -2.14 -2.04
C SER B 54 -26.77 -2.22 -0.53
N THR B 55 -26.45 -1.13 0.17
CA THR B 55 -26.52 -1.09 1.62
C THR B 55 -27.38 0.11 2.03
N PHE B 56 -28.41 -0.15 2.84
CA PHE B 56 -29.34 0.89 3.27
C PHE B 56 -29.91 0.46 4.61
N LYS B 57 -29.37 1.00 5.70
CA LYS B 57 -29.78 0.63 7.05
C LYS B 57 -30.01 1.89 7.86
N CYS B 58 -31.26 2.11 8.27
CA CYS B 58 -31.59 3.19 9.20
C CYS B 58 -31.60 2.65 10.63
N TYR B 59 -31.22 3.52 11.56
CA TYR B 59 -31.03 3.11 12.95
C TYR B 59 -31.97 3.82 13.91
N GLY B 60 -32.02 5.15 13.90
CA GLY B 60 -32.75 5.89 14.89
C GLY B 60 -34.19 6.23 14.57
N VAL B 61 -34.69 5.86 13.39
CA VAL B 61 -36.05 6.20 13.00
C VAL B 61 -36.49 5.23 11.92
N SER B 62 -37.79 4.99 11.84
CA SER B 62 -38.33 4.14 10.79
C SER B 62 -38.21 4.84 9.44
N PRO B 63 -37.90 4.10 8.37
CA PRO B 63 -37.67 4.73 7.07
C PRO B 63 -38.94 5.25 6.42
N THR B 64 -40.01 4.44 6.42
CA THR B 64 -41.22 4.80 5.70
C THR B 64 -42.00 5.93 6.37
N LYS B 65 -41.78 6.17 7.66
CA LYS B 65 -42.50 7.21 8.39
C LYS B 65 -41.67 8.48 8.58
N LEU B 66 -40.73 8.75 7.67
CA LEU B 66 -39.98 9.99 7.71
C LEU B 66 -40.70 11.14 7.02
N ASN B 67 -41.61 10.83 6.10
CA ASN B 67 -42.32 11.86 5.35
C ASN B 67 -43.33 12.59 6.24
N ASN B 73 -31.88 20.54 11.79
CA ASN B 73 -30.98 20.42 10.64
C ASN B 73 -30.72 18.97 10.27
N VAL B 74 -30.31 18.75 9.03
CA VAL B 74 -29.98 17.42 8.51
C VAL B 74 -28.63 17.52 7.83
N TYR B 75 -27.67 16.70 8.29
CA TYR B 75 -26.33 16.68 7.74
C TYR B 75 -26.13 15.44 6.87
N ALA B 76 -25.24 15.56 5.89
CA ALA B 76 -24.95 14.48 4.95
C ALA B 76 -23.43 14.33 4.85
N ASP B 77 -22.91 13.25 5.41
CA ASP B 77 -21.48 12.95 5.35
C ASP B 77 -21.20 12.07 4.14
N SER B 78 -20.21 12.45 3.35
CA SER B 78 -19.90 11.76 2.10
C SER B 78 -18.42 11.37 2.09
N PHE B 79 -18.15 10.10 1.78
CA PHE B 79 -16.79 9.59 1.68
C PHE B 79 -16.83 8.27 0.91
N VAL B 80 -15.64 7.77 0.59
CA VAL B 80 -15.48 6.53 -0.18
C VAL B 80 -14.60 5.58 0.62
N ILE B 81 -15.12 4.40 0.91
CA ILE B 81 -14.37 3.38 1.65
C ILE B 81 -14.23 2.13 0.79
N ARG B 82 -13.70 1.06 1.38
CA ARG B 82 -13.55 -0.20 0.71
C ARG B 82 -14.85 -1.00 0.81
N GLY B 83 -14.86 -2.20 0.23
CA GLY B 83 -16.03 -3.05 0.27
C GLY B 83 -16.28 -3.66 1.64
N ASP B 84 -15.21 -4.09 2.31
CA ASP B 84 -15.34 -4.70 3.63
C ASP B 84 -15.51 -3.67 4.75
N GLU B 85 -15.23 -2.39 4.49
CA GLU B 85 -15.34 -1.37 5.51
C GLU B 85 -16.77 -0.85 5.68
N VAL B 86 -17.72 -1.33 4.87
CA VAL B 86 -19.09 -0.86 4.97
C VAL B 86 -19.72 -1.28 6.30
N ARG B 87 -19.32 -2.45 6.82
CA ARG B 87 -19.87 -2.94 8.08
C ARG B 87 -19.40 -2.15 9.29
N GLN B 88 -18.37 -1.32 9.15
CA GLN B 88 -17.83 -0.56 10.26
C GLN B 88 -18.57 0.75 10.52
N ILE B 89 -19.22 1.32 9.51
CA ILE B 89 -20.02 2.53 9.72
C ILE B 89 -21.33 2.10 10.34
N ALA B 90 -21.37 2.07 11.68
CA ALA B 90 -22.49 1.62 12.48
C ALA B 90 -22.17 1.84 13.96
N PRO B 91 -23.17 2.04 14.81
CA PRO B 91 -22.86 2.23 16.24
C PRO B 91 -22.24 1.00 16.86
N GLY B 92 -21.19 1.22 17.65
CA GLY B 92 -20.55 0.14 18.37
C GLY B 92 -19.72 -0.80 17.53
N GLN B 93 -19.10 -0.30 16.46
CA GLN B 93 -18.27 -1.12 15.60
C GLN B 93 -16.80 -0.83 15.86
N THR B 94 -15.97 -1.85 15.67
CA THR B 94 -14.52 -1.76 15.88
C THR B 94 -13.80 -2.12 14.59
N GLY B 95 -12.84 -1.30 14.21
CA GLY B 95 -12.08 -1.56 13.01
C GLY B 95 -11.12 -0.40 12.72
N LYS B 96 -10.50 -0.48 11.55
CA LYS B 96 -9.57 0.58 11.16
C LYS B 96 -10.31 1.86 10.81
N ILE B 97 -11.44 1.75 10.10
CA ILE B 97 -12.22 2.92 9.73
C ILE B 97 -13.06 3.40 10.90
N ALA B 98 -13.60 2.46 11.69
CA ALA B 98 -14.49 2.84 12.78
C ALA B 98 -13.76 3.48 13.95
N ASP B 99 -12.46 3.26 14.08
CA ASP B 99 -11.70 3.79 15.22
C ASP B 99 -10.78 4.94 14.86
N TYR B 100 -10.28 5.00 13.63
CA TYR B 100 -9.29 6.00 13.24
C TYR B 100 -9.75 6.95 12.15
N ASN B 101 -10.92 6.72 11.53
CA ASN B 101 -11.36 7.54 10.41
C ASN B 101 -12.73 8.17 10.65
N TYR B 102 -13.78 7.38 10.82
CA TYR B 102 -15.13 7.91 10.97
C TYR B 102 -15.90 7.00 11.91
N LYS B 103 -16.19 7.50 13.11
CA LYS B 103 -16.91 6.74 14.12
C LYS B 103 -18.31 7.31 14.30
N LEU B 104 -19.28 6.42 14.55
CA LEU B 104 -20.67 6.80 14.73
C LEU B 104 -21.09 6.60 16.17
N PRO B 105 -21.87 7.53 16.73
CA PRO B 105 -22.29 7.40 18.14
C PRO B 105 -23.26 6.24 18.31
N ASP B 106 -23.36 5.78 19.56
CA ASP B 106 -24.23 4.65 19.88
C ASP B 106 -25.70 5.05 19.78
N ASP B 107 -26.03 6.26 20.24
CA ASP B 107 -27.40 6.77 20.14
C ASP B 107 -27.63 7.52 18.82
N PHE B 108 -27.26 6.87 17.72
CA PHE B 108 -27.35 7.48 16.41
C PHE B 108 -28.80 7.50 15.93
N THR B 109 -29.20 8.60 15.30
CA THR B 109 -30.55 8.79 14.77
C THR B 109 -30.42 9.22 13.31
N GLY B 110 -30.48 8.24 12.40
CA GLY B 110 -30.36 8.54 10.99
C GLY B 110 -30.32 7.28 10.16
N CYS B 111 -29.70 7.39 8.97
CA CYS B 111 -29.59 6.28 8.04
C CYS B 111 -28.19 6.28 7.44
N VAL B 112 -27.79 5.11 6.94
CA VAL B 112 -26.51 4.93 6.27
C VAL B 112 -26.77 4.35 4.89
N ILE B 113 -26.36 5.07 3.86
CA ILE B 113 -26.60 4.68 2.47
C ILE B 113 -25.24 4.43 1.82
N ALA B 114 -25.14 3.32 1.08
CA ALA B 114 -23.89 2.97 0.41
C ALA B 114 -24.21 2.21 -0.87
N TRP B 115 -23.34 2.37 -1.86
CA TRP B 115 -23.49 1.70 -3.14
C TRP B 115 -22.12 1.51 -3.77
N ASN B 116 -22.03 0.54 -4.67
CA ASN B 116 -20.77 0.23 -5.35
C ASN B 116 -20.50 1.25 -6.45
N SER B 117 -19.27 1.75 -6.49
CA SER B 117 -18.85 2.74 -7.49
C SER B 117 -17.53 2.32 -8.13
N ASN B 118 -17.41 1.04 -8.48
CA ASN B 118 -16.18 0.57 -9.10
C ASN B 118 -16.00 1.11 -10.51
N ASN B 119 -17.11 1.44 -11.19
CA ASN B 119 -17.05 1.97 -12.54
C ASN B 119 -16.68 3.45 -12.59
N LEU B 120 -16.52 4.10 -11.44
CA LEU B 120 -16.18 5.52 -11.39
C LEU B 120 -14.83 5.76 -10.72
N ASP B 121 -14.68 5.37 -9.46
CA ASP B 121 -13.45 5.64 -8.71
C ASP B 121 -12.48 4.46 -8.80
N SER B 122 -12.03 4.19 -10.04
CA SER B 122 -11.11 3.10 -10.28
C SER B 122 -10.45 3.34 -11.64
N LYS B 123 -9.22 3.87 -11.62
CA LYS B 123 -8.47 4.06 -12.85
C LYS B 123 -7.96 2.72 -13.38
N VAL B 124 -7.56 2.73 -14.65
CA VAL B 124 -7.05 1.50 -15.27
C VAL B 124 -5.68 1.14 -14.70
N GLY B 125 -4.91 2.13 -14.28
CA GLY B 125 -3.59 1.91 -13.71
C GLY B 125 -3.52 2.02 -12.20
N GLY B 126 -4.65 2.13 -11.51
CA GLY B 126 -4.65 2.23 -10.06
C GLY B 126 -5.02 3.61 -9.56
N ASN B 127 -6.17 3.69 -8.88
CA ASN B 127 -6.66 4.96 -8.34
C ASN B 127 -6.17 5.07 -6.89
N TYR B 128 -4.99 5.68 -6.73
CA TYR B 128 -4.39 5.89 -5.41
C TYR B 128 -4.78 7.22 -4.80
N ASN B 129 -5.79 7.91 -5.34
CA ASN B 129 -6.20 9.21 -4.83
C ASN B 129 -7.00 9.11 -3.53
N TYR B 130 -7.62 7.97 -3.25
CA TYR B 130 -8.39 7.78 -2.04
C TYR B 130 -7.51 7.18 -0.95
N LEU B 131 -7.50 7.81 0.21
CA LEU B 131 -6.64 7.41 1.33
C LEU B 131 -7.50 7.03 2.53
N TYR B 132 -6.83 6.53 3.55
CA TYR B 132 -7.47 6.20 4.82
C TYR B 132 -6.40 6.17 5.90
N ARG B 133 -6.84 6.33 7.14
CA ARG B 133 -5.94 6.40 8.30
C ARG B 133 -5.99 5.09 9.07
N LEU B 134 -4.81 4.50 9.31
CA LEU B 134 -4.69 3.28 10.10
C LEU B 134 -3.73 3.43 11.27
N PHE B 135 -3.17 4.61 11.48
CA PHE B 135 -2.23 4.86 12.58
C PHE B 135 -2.70 6.08 13.37
N ARG B 136 -3.14 5.85 14.60
CA ARG B 136 -3.53 6.91 15.51
C ARG B 136 -3.39 6.42 16.93
N LYS B 137 -2.83 7.27 17.80
CA LYS B 137 -2.58 6.91 19.19
C LYS B 137 -3.82 7.03 20.07
N SER B 138 -4.98 7.30 19.49
CA SER B 138 -6.22 7.40 20.27
C SER B 138 -7.40 7.21 19.34
N ASN B 139 -8.43 6.52 19.83
CA ASN B 139 -9.62 6.30 19.03
C ASN B 139 -10.39 7.60 18.85
N LEU B 140 -11.00 7.75 17.67
CA LEU B 140 -11.74 8.97 17.37
C LEU B 140 -13.07 9.01 18.11
N LYS B 141 -13.49 10.21 18.48
CA LYS B 141 -14.80 10.43 19.06
C LYS B 141 -15.86 10.43 17.96
N PRO B 142 -17.13 10.25 18.32
CA PRO B 142 -18.19 10.29 17.30
C PRO B 142 -18.23 11.63 16.59
N PHE B 143 -18.32 11.59 15.26
CA PHE B 143 -18.39 12.78 14.41
C PHE B 143 -17.14 13.65 14.58
N GLU B 144 -15.98 13.01 14.68
CA GLU B 144 -14.70 13.70 14.77
C GLU B 144 -13.94 13.55 13.46
N ARG B 145 -13.25 14.62 13.06
CA ARG B 145 -12.55 14.67 11.78
C ARG B 145 -11.08 15.01 12.05
N ASP B 146 -10.20 14.13 11.58
CA ASP B 146 -8.75 14.27 11.81
C ASP B 146 -8.04 14.30 10.47
N ILE B 147 -7.47 15.46 10.13
CA ILE B 147 -6.74 15.63 8.88
C ILE B 147 -5.26 15.77 9.21
N SER B 148 -4.84 15.18 10.32
CA SER B 148 -3.46 15.32 10.76
C SER B 148 -2.52 14.49 9.90
N THR B 149 -1.47 15.13 9.40
CA THR B 149 -0.41 14.45 8.66
C THR B 149 0.81 14.19 9.52
N GLU B 150 0.67 14.25 10.83
CA GLU B 150 1.78 14.01 11.73
C GLU B 150 2.29 12.59 11.61
N ILE B 151 3.61 12.43 11.54
CA ILE B 151 4.21 11.11 11.37
C ILE B 151 3.98 10.28 12.63
N TYR B 152 3.39 9.10 12.46
CA TYR B 152 3.07 8.25 13.60
C TYR B 152 4.33 7.59 14.14
N GLN B 153 4.50 7.66 15.45
CA GLN B 153 5.63 7.04 16.14
C GLN B 153 5.20 5.70 16.69
N ALA B 154 5.76 4.62 16.14
CA ALA B 154 5.44 3.27 16.59
C ALA B 154 6.48 2.67 17.51
N GLY B 155 7.75 3.06 17.37
CA GLY B 155 8.81 2.56 18.20
C GLY B 155 8.94 3.31 19.51
N SER B 156 10.15 3.26 20.07
CA SER B 156 10.46 3.94 21.33
C SER B 156 11.12 5.29 21.13
N THR B 157 12.05 5.39 20.18
CA THR B 157 12.71 6.66 19.92
C THR B 157 11.77 7.60 19.17
N PRO B 158 11.81 8.89 19.48
CA PRO B 158 10.92 9.84 18.79
C PRO B 158 11.31 10.01 17.32
N CYS B 159 10.36 10.52 16.55
CA CYS B 159 10.52 10.71 15.12
C CYS B 159 10.88 12.14 14.74
N ASN B 160 10.32 13.13 15.45
CA ASN B 160 10.62 14.54 15.24
C ASN B 160 10.29 14.98 13.81
N GLY B 161 9.13 14.55 13.32
CA GLY B 161 8.66 14.97 12.01
C GLY B 161 9.40 14.38 10.83
N VAL B 162 10.27 13.40 11.05
CA VAL B 162 11.01 12.75 9.98
C VAL B 162 10.66 11.27 9.99
N GLU B 163 10.22 10.75 8.84
CA GLU B 163 9.81 9.37 8.74
C GLU B 163 10.99 8.47 8.43
N GLY B 164 10.86 7.21 8.84
CA GLY B 164 11.90 6.22 8.64
C GLY B 164 11.54 4.90 9.29
N PHE B 165 12.53 4.23 9.88
CA PHE B 165 12.26 3.01 10.62
C PHE B 165 11.49 3.33 11.89
N ASN B 166 10.40 2.60 12.12
CA ASN B 166 9.50 2.81 13.26
C ASN B 166 8.88 4.20 13.26
N CYS B 167 8.87 4.88 12.11
CA CYS B 167 8.27 6.21 11.95
C CYS B 167 7.55 6.21 10.60
N TYR B 168 6.29 5.79 10.63
CA TYR B 168 5.51 5.57 9.41
C TYR B 168 4.58 6.74 9.15
N PHE B 169 4.11 6.80 7.90
CA PHE B 169 3.12 7.81 7.52
C PHE B 169 1.74 7.39 8.00
N PRO B 170 0.97 8.32 8.58
CA PRO B 170 -0.31 7.92 9.19
C PRO B 170 -1.36 7.47 8.18
N LEU B 171 -1.29 7.94 6.94
CA LEU B 171 -2.28 7.61 5.93
C LEU B 171 -1.79 6.50 5.02
N GLN B 172 -2.73 5.75 4.46
CA GLN B 172 -2.43 4.66 3.54
C GLN B 172 -3.41 4.75 2.37
N SER B 173 -2.97 4.27 1.22
CA SER B 173 -3.72 4.40 -0.02
C SER B 173 -4.54 3.15 -0.30
N TYR B 174 -5.81 3.35 -0.63
CA TYR B 174 -6.63 2.26 -1.14
C TYR B 174 -6.13 1.86 -2.53
N GLY B 175 -6.22 0.57 -2.84
CA GLY B 175 -5.81 0.08 -4.13
C GLY B 175 -6.69 0.58 -5.26
N PHE B 176 -7.92 0.07 -5.32
CA PHE B 176 -8.93 0.50 -6.28
C PHE B 176 -8.49 0.32 -7.73
N GLN B 177 -8.61 -0.90 -8.23
CA GLN B 177 -8.41 -1.25 -9.63
C GLN B 177 -9.58 -2.08 -10.10
N PRO B 178 -9.91 -2.03 -11.40
CA PRO B 178 -11.10 -2.75 -11.88
C PRO B 178 -11.01 -4.27 -11.75
N THR B 179 -9.83 -4.81 -11.50
CA THR B 179 -9.64 -6.25 -11.36
C THR B 179 -9.63 -6.71 -9.91
N ASN B 180 -9.93 -5.81 -8.97
CA ASN B 180 -9.94 -6.17 -7.56
C ASN B 180 -11.22 -6.92 -7.21
N GLY B 181 -11.17 -7.65 -6.08
CA GLY B 181 -12.33 -8.35 -5.60
C GLY B 181 -13.40 -7.39 -5.09
N VAL B 182 -14.61 -7.93 -4.93
CA VAL B 182 -15.75 -7.12 -4.50
C VAL B 182 -15.49 -6.51 -3.12
N GLY B 183 -14.80 -7.26 -2.25
CA GLY B 183 -14.45 -6.74 -0.94
C GLY B 183 -13.41 -5.65 -0.96
N TYR B 184 -12.71 -5.46 -2.09
CA TYR B 184 -11.68 -4.44 -2.21
C TYR B 184 -12.02 -3.44 -3.31
N GLN B 185 -13.33 -3.18 -3.52
CA GLN B 185 -13.86 -2.23 -4.49
C GLN B 185 -14.36 -0.98 -3.78
N PRO B 186 -14.35 0.18 -4.45
CA PRO B 186 -14.81 1.40 -3.80
C PRO B 186 -16.32 1.41 -3.60
N TYR B 187 -16.73 1.97 -2.46
CA TYR B 187 -18.14 2.10 -2.11
C TYR B 187 -18.39 3.51 -1.59
N ARG B 188 -19.22 4.27 -2.29
CA ARG B 188 -19.57 5.61 -1.86
C ARG B 188 -20.63 5.55 -0.78
N VAL B 189 -20.34 6.12 0.39
CA VAL B 189 -21.23 6.08 1.54
C VAL B 189 -21.73 7.48 1.82
N VAL B 190 -23.04 7.60 2.04
CA VAL B 190 -23.67 8.87 2.40
C VAL B 190 -24.43 8.65 3.70
N VAL B 191 -23.90 9.20 4.80
CA VAL B 191 -24.50 9.05 6.12
C VAL B 191 -25.37 10.27 6.40
N LEU B 192 -26.66 10.04 6.60
CA LEU B 192 -27.62 11.10 6.90
C LEU B 192 -27.87 11.12 8.40
N SER B 193 -27.67 12.29 9.01
CA SER B 193 -27.86 12.47 10.45
C SER B 193 -29.00 13.45 10.66
N PHE B 194 -30.11 12.96 11.22
CA PHE B 194 -31.27 13.80 11.52
C PHE B 194 -31.11 14.33 12.94
N GLU B 195 -30.62 15.55 13.07
CA GLU B 195 -30.34 16.15 14.38
C GLU B 195 -31.63 16.60 15.05
N ALA B 201 -38.60 23.58 13.03
CA ALA B 201 -38.90 22.62 11.96
C ALA B 201 -38.50 23.18 10.60
N THR B 202 -37.19 23.39 10.41
CA THR B 202 -36.68 23.95 9.17
C THR B 202 -36.57 22.92 8.05
N VAL B 203 -36.68 21.63 8.37
CA VAL B 203 -36.61 20.56 7.38
C VAL B 203 -37.66 19.51 7.72
N CYS B 204 -38.49 19.17 6.74
CA CYS B 204 -39.51 18.14 6.92
C CYS B 204 -39.60 17.24 5.69
#